data_7ORS
#
_entry.id   7ORS
#
_cell.length_a   82.615
_cell.length_b   111.925
_cell.length_c   62.666
_cell.angle_alpha   90.000
_cell.angle_beta   90.000
_cell.angle_gamma   90.000
#
_symmetry.space_group_name_H-M   'C 2 2 21'
#
loop_
_entity.id
_entity.type
_entity.pdbx_description
1 polymer '14-3-3 protein sigma'
2 polymer 'Cyclin-dependent kinase inhibitor 1B'
3 non-polymer 'MAGNESIUM ION'
4 non-polymer 'CHLORIDE ION'
5 non-polymer (4~{S})-~{N}-[(5-carbamimidoyl-3-phenyl-thiophen-2-yl)methyl]oxepane-4-carboxamide
6 water water
#
loop_
_entity_poly.entity_id
_entity_poly.type
_entity_poly.pdbx_seq_one_letter_code
_entity_poly.pdbx_strand_id
1 'polypeptide(L)'
;GAMGSMERASLIQKAKLAEQAERYEDMAAFMKGAVEKGEELS(CSO)EERNLLSVAYKNVVGGQRAAWRVLSSIEQKSNE
EGSEEKGPEVREYREKVETELQGVCDTVLGLLDSHLIKEAGDAESRVFYLKMKGDYYRYLAEVATGDDKKRIIDSARSAY
QEAMDISKKEMPPTNPIRLGLALNFSVFHYEIANSPEEAISLAKTTFDEAMADLHTLSEDSYKDSTLIMQLLRDNLTLWT
ADNAGEEGGEAPQEPQS
;
A
2 'polypeptide(L)' TPKKPGLRRRQ(TPO) P
#
loop_
_chem_comp.id
_chem_comp.type
_chem_comp.name
_chem_comp.formula
0I2 non-polymer (4~{S})-~{N}-[(5-carbamimidoyl-3-phenyl-thiophen-2-yl)methyl]oxepane-4-carboxamide 'C19 H23 N3 O2 S'
CL non-polymer 'CHLORIDE ION' 'Cl -1'
MG non-polymer 'MAGNESIUM ION' 'Mg 2'
#
# COMPACT_ATOMS: atom_id res chain seq x y z
N GLY A 1 9.30 19.47 -12.34
CA GLY A 1 8.92 18.29 -13.17
C GLY A 1 7.99 18.67 -14.28
N ALA A 2 7.63 17.65 -15.08
CA ALA A 2 6.86 17.86 -16.31
C ALA A 2 5.50 18.45 -16.04
N MET A 3 5.00 18.36 -14.80
CA MET A 3 3.67 18.87 -14.48
C MET A 3 3.71 20.23 -13.81
N GLY A 4 4.89 20.85 -13.72
CA GLY A 4 5.03 22.13 -13.02
C GLY A 4 4.21 23.25 -13.63
N SER A 5 3.95 23.18 -14.94
CA SER A 5 3.20 24.25 -15.58
C SER A 5 1.69 24.07 -15.54
N MET A 6 1.18 22.93 -15.06
CA MET A 6 -0.25 22.71 -15.04
C MET A 6 -0.84 23.09 -13.68
N GLU A 7 -2.01 23.73 -13.71
CA GLU A 7 -2.74 24.06 -12.49
C GLU A 7 -3.00 22.81 -11.65
N ARG A 8 -2.90 22.97 -10.32
CA ARG A 8 -3.24 21.89 -9.41
C ARG A 8 -4.63 21.34 -9.70
N ALA A 9 -5.63 22.22 -9.86
CA ALA A 9 -6.98 21.71 -10.07
C ALA A 9 -7.10 20.94 -11.38
N SER A 10 -6.39 21.39 -12.42
CA SER A 10 -6.38 20.67 -13.69
C SER A 10 -5.73 19.29 -13.56
N LEU A 11 -4.64 19.19 -12.78
CA LEU A 11 -4.02 17.90 -12.52
C LEU A 11 -4.99 16.95 -11.83
N ILE A 12 -5.72 17.43 -10.82
CA ILE A 12 -6.70 16.59 -10.14
C ILE A 12 -7.82 16.17 -11.09
N GLN A 13 -8.32 17.11 -11.89
CA GLN A 13 -9.36 16.77 -12.85
C GLN A 13 -8.87 15.68 -13.82
N LYS A 14 -7.65 15.82 -14.32
CA LYS A 14 -7.12 14.85 -15.28
C LYS A 14 -6.79 13.52 -14.63
N ALA A 15 -6.39 13.52 -13.35
CA ALA A 15 -6.23 12.25 -12.64
C ALA A 15 -7.55 11.47 -12.61
N LYS A 16 -8.67 12.18 -12.37
CA LYS A 16 -9.97 11.52 -12.36
C LYS A 16 -10.35 11.00 -13.73
N LEU A 17 -10.04 11.77 -14.78
CA LEU A 17 -10.28 11.30 -16.15
C LEU A 17 -9.42 10.08 -16.48
N ALA A 18 -8.15 10.09 -16.08
CA ALA A 18 -7.26 8.96 -16.33
C ALA A 18 -7.77 7.71 -15.62
N GLU A 19 -8.28 7.86 -14.40
CA GLU A 19 -8.89 6.72 -13.70
C GLU A 19 -10.05 6.14 -14.51
N GLN A 20 -10.92 6.98 -15.02
CA GLN A 20 -12.05 6.52 -15.83
C GLN A 20 -11.58 5.81 -17.09
N ALA A 21 -10.45 6.23 -17.66
CA ALA A 21 -9.89 5.62 -18.85
C ALA A 21 -8.95 4.45 -18.55
N GLU A 22 -8.79 4.09 -17.28
CA GLU A 22 -7.88 3.03 -16.85
C GLU A 22 -6.45 3.31 -17.33
N ARG A 23 -6.08 4.60 -17.30
CA ARG A 23 -4.76 5.04 -17.68
C ARG A 23 -3.98 5.37 -16.41
N TYR A 24 -3.55 4.31 -15.71
CA TYR A 24 -3.07 4.53 -14.33
C TYR A 24 -1.68 5.15 -14.29
N GLU A 25 -0.81 4.91 -15.29
CA GLU A 25 0.46 5.61 -15.31
CA GLU A 25 0.47 5.61 -15.31
C GLU A 25 0.26 7.11 -15.43
N ASP A 26 -0.63 7.53 -16.32
CA ASP A 26 -0.98 8.95 -16.44
C ASP A 26 -1.54 9.46 -15.10
N MET A 27 -2.45 8.69 -14.52
CA MET A 27 -3.07 9.07 -13.25
C MET A 27 -2.01 9.35 -12.20
N ALA A 28 -1.02 8.44 -12.10
CA ALA A 28 0.05 8.61 -11.12
C ALA A 28 0.90 9.84 -11.41
N ALA A 29 1.22 10.08 -12.68
CA ALA A 29 1.99 11.27 -13.02
C ALA A 29 1.23 12.54 -12.67
N PHE A 30 -0.08 12.56 -12.93
CA PHE A 30 -0.87 13.74 -12.59
C PHE A 30 -0.89 13.97 -11.07
N MET A 31 -1.10 12.88 -10.30
CA MET A 31 -1.14 13.03 -8.84
C MET A 31 0.25 13.37 -8.26
N LYS A 32 1.32 12.82 -8.82
CA LYS A 32 2.66 13.26 -8.42
C LYS A 32 2.79 14.78 -8.62
N GLY A 33 2.37 15.27 -9.80
CA GLY A 33 2.40 16.70 -10.05
C GLY A 33 1.59 17.48 -9.02
N ALA A 34 0.39 16.99 -8.68
CA ALA A 34 -0.44 17.67 -7.70
C ALA A 34 0.25 17.72 -6.33
N VAL A 35 0.81 16.60 -5.88
CA VAL A 35 1.54 16.59 -4.62
C VAL A 35 2.65 17.63 -4.64
N GLU A 36 3.41 17.68 -5.74
CA GLU A 36 4.56 18.58 -5.82
C GLU A 36 4.17 20.05 -5.84
N LYS A 37 2.88 20.37 -5.96
CA LYS A 37 2.46 21.75 -5.74
C LYS A 37 2.69 22.22 -4.31
N GLY A 38 2.83 21.30 -3.38
CA GLY A 38 3.17 21.64 -2.01
C GLY A 38 2.03 21.76 -1.02
N GLU A 39 0.80 21.71 -1.47
CA GLU A 39 -0.35 21.82 -0.59
CA GLU A 39 -0.34 21.82 -0.58
C GLU A 39 -0.75 20.43 -0.07
N GLU A 40 -1.33 20.40 1.13
CA GLU A 40 -1.84 19.14 1.66
C GLU A 40 -2.90 18.58 0.71
N LEU A 41 -3.13 17.28 0.83
CA LEU A 41 -4.13 16.60 0.02
C LEU A 41 -5.40 16.36 0.82
N SER A 42 -6.55 16.53 0.15
CA SER A 42 -7.83 16.17 0.74
C SER A 42 -8.01 14.65 0.82
N CSO A 43 -9.07 14.19 1.52
CA CSO A 43 -9.33 12.75 1.57
CB CSO A 43 -10.60 12.51 2.43
SG CSO A 43 -11.19 10.80 2.35
C CSO A 43 -9.51 12.17 0.16
O CSO A 43 -8.93 11.13 -0.17
OD CSO A 43 -10.09 9.81 3.31
HB2 CSO A 43 -11.32 13.09 2.12
HB3 CSO A 43 -10.40 12.72 3.37
HD CSO A 43 -10.10 10.11 4.23
N GLU A 44 -10.28 12.84 -0.69
CA GLU A 44 -10.51 12.37 -2.06
C GLU A 44 -9.17 12.32 -2.82
N GLU A 45 -8.35 13.35 -2.63
CA GLU A 45 -7.09 13.44 -3.36
C GLU A 45 -6.11 12.37 -2.88
N ARG A 46 -6.11 12.09 -1.57
CA ARG A 46 -5.26 11.01 -1.05
C ARG A 46 -5.65 9.69 -1.68
N ASN A 47 -6.95 9.45 -1.83
CA ASN A 47 -7.39 8.21 -2.47
CA ASN A 47 -7.40 8.22 -2.47
C ASN A 47 -6.95 8.15 -3.93
N LEU A 48 -7.02 9.26 -4.64
CA LEU A 48 -6.57 9.27 -6.03
C LEU A 48 -5.09 8.90 -6.13
N LEU A 49 -4.28 9.45 -5.23
CA LEU A 49 -2.86 9.14 -5.19
C LEU A 49 -2.65 7.65 -4.96
N SER A 50 -3.34 7.11 -3.95
CA SER A 50 -3.18 5.71 -3.60
C SER A 50 -3.64 4.78 -4.72
N VAL A 51 -4.81 5.04 -5.29
CA VAL A 51 -5.33 4.22 -6.39
C VAL A 51 -4.35 4.22 -7.59
N ALA A 52 -3.82 5.38 -7.95
CA ALA A 52 -2.95 5.44 -9.12
C ALA A 52 -1.72 4.56 -8.93
N TYR A 53 -0.98 4.77 -7.86
CA TYR A 53 0.27 4.03 -7.67
C TYR A 53 0.01 2.57 -7.33
N LYS A 54 -1.11 2.25 -6.65
CA LYS A 54 -1.47 0.86 -6.40
C LYS A 54 -1.56 0.10 -7.71
N ASN A 55 -2.21 0.68 -8.71
CA ASN A 55 -2.39 0.02 -9.98
C ASN A 55 -1.10 -0.06 -10.77
N VAL A 56 -0.30 1.01 -10.77
CA VAL A 56 0.99 0.96 -11.47
C VAL A 56 1.87 -0.14 -10.87
N VAL A 57 2.10 -0.09 -9.56
CA VAL A 57 3.00 -1.04 -8.95
C VAL A 57 2.37 -2.43 -8.95
N GLY A 58 1.04 -2.52 -8.98
CA GLY A 58 0.41 -3.83 -8.98
C GLY A 58 0.69 -4.59 -10.27
N GLY A 59 0.67 -3.89 -11.40
CA GLY A 59 1.06 -4.51 -12.65
C GLY A 59 2.52 -4.93 -12.68
N GLN A 60 3.41 -4.09 -12.13
CA GLN A 60 4.82 -4.44 -12.09
C GLN A 60 5.06 -5.64 -11.20
N ARG A 61 4.40 -5.68 -10.04
CA ARG A 61 4.59 -6.80 -9.11
C ARG A 61 4.10 -8.11 -9.74
N ALA A 62 2.94 -8.08 -10.37
CA ALA A 62 2.42 -9.28 -11.02
C ALA A 62 3.36 -9.74 -12.11
N ALA A 63 3.91 -8.81 -12.90
CA ALA A 63 4.90 -9.21 -13.92
C ALA A 63 6.16 -9.77 -13.29
N TRP A 64 6.65 -9.13 -12.23
CA TRP A 64 7.84 -9.63 -11.54
C TRP A 64 7.63 -11.06 -11.05
N ARG A 65 6.45 -11.36 -10.50
CA ARG A 65 6.20 -12.71 -10.02
C ARG A 65 6.20 -13.74 -11.16
N VAL A 66 5.61 -13.39 -12.30
CA VAL A 66 5.67 -14.27 -13.47
C VAL A 66 7.12 -14.54 -13.83
N LEU A 67 7.93 -13.48 -13.98
CA LEU A 67 9.31 -13.64 -14.42
C LEU A 67 10.15 -14.36 -13.39
N SER A 68 9.94 -14.07 -12.10
CA SER A 68 10.69 -14.76 -11.05
CA SER A 68 10.70 -14.76 -11.07
C SER A 68 10.41 -16.26 -11.06
N SER A 69 9.16 -16.64 -11.30
CA SER A 69 8.83 -18.06 -11.38
C SER A 69 9.51 -18.72 -12.58
N ILE A 70 9.50 -18.06 -13.75
CA ILE A 70 10.22 -18.60 -14.90
C ILE A 70 11.70 -18.74 -14.60
N GLU A 71 12.27 -17.72 -13.95
CA GLU A 71 13.69 -17.74 -13.61
C GLU A 71 14.00 -18.90 -12.66
N GLN A 72 13.13 -19.12 -11.67
CA GLN A 72 13.36 -20.19 -10.71
C GLN A 72 13.37 -21.55 -11.41
N LYS A 73 12.39 -21.79 -12.28
CA LYS A 73 12.35 -23.05 -13.01
C LYS A 73 13.58 -23.22 -13.90
N SER A 74 14.10 -22.12 -14.44
CA SER A 74 15.29 -22.20 -15.28
C SER A 74 16.53 -22.57 -14.48
N ASN A 75 16.50 -22.40 -13.17
CA ASN A 75 17.64 -22.68 -12.30
C ASN A 75 17.51 -24.00 -11.55
N GLU A 76 16.62 -24.88 -11.98
CA GLU A 76 16.46 -26.19 -11.34
C GLU A 76 17.47 -27.18 -11.89
N SER A 79 17.39 -28.18 -15.89
CA SER A 79 16.80 -27.40 -16.97
C SER A 79 17.84 -27.05 -18.04
N GLU A 80 17.37 -26.79 -19.25
CA GLU A 80 18.25 -26.40 -20.35
C GLU A 80 18.63 -24.93 -20.21
N GLU A 81 19.92 -24.63 -20.32
CA GLU A 81 20.43 -23.28 -20.08
C GLU A 81 19.83 -22.24 -21.01
N GLY A 83 20.68 -19.04 -21.02
CA GLY A 83 21.23 -17.71 -21.22
C GLY A 83 20.77 -16.72 -20.18
N PRO A 84 21.28 -15.49 -20.27
CA PRO A 84 21.01 -14.49 -19.24
C PRO A 84 19.70 -13.73 -19.42
N GLU A 85 18.92 -14.06 -20.46
CA GLU A 85 17.79 -13.19 -20.83
C GLU A 85 16.73 -13.14 -19.75
N VAL A 86 16.37 -14.27 -19.16
CA VAL A 86 15.32 -14.27 -18.15
C VAL A 86 15.71 -13.39 -16.97
N ARG A 87 16.94 -13.58 -16.47
CA ARG A 87 17.41 -12.76 -15.36
C ARG A 87 17.45 -11.30 -15.74
N GLU A 88 17.95 -10.98 -16.94
CA GLU A 88 18.06 -9.59 -17.36
C GLU A 88 16.70 -8.92 -17.35
N TYR A 89 15.69 -9.61 -17.89
CA TYR A 89 14.38 -8.99 -18.04
C TYR A 89 13.66 -8.91 -16.68
N ARG A 90 13.81 -9.93 -15.84
CA ARG A 90 13.35 -9.81 -14.46
C ARG A 90 14.00 -8.62 -13.75
N GLU A 91 15.30 -8.44 -13.92
CA GLU A 91 15.99 -7.30 -13.33
C GLU A 91 15.44 -5.99 -13.86
N LYS A 92 15.14 -5.93 -15.16
CA LYS A 92 14.59 -4.71 -15.75
C LYS A 92 13.28 -4.33 -15.07
N VAL A 93 12.38 -5.29 -14.96
CA VAL A 93 11.07 -5.04 -14.35
C VAL A 93 11.26 -4.66 -12.88
N GLU A 94 12.14 -5.39 -12.19
CA GLU A 94 12.43 -5.12 -10.79
C GLU A 94 12.92 -3.70 -10.58
N THR A 95 13.85 -3.24 -11.43
CA THR A 95 14.40 -1.90 -11.29
CA THR A 95 14.39 -1.91 -11.23
C THR A 95 13.32 -0.86 -11.50
N GLU A 96 12.44 -1.08 -12.48
CA GLU A 96 11.37 -0.13 -12.71
CA GLU A 96 11.35 -0.15 -12.73
C GLU A 96 10.40 -0.10 -11.54
N LEU A 97 10.10 -1.27 -10.98
CA LEU A 97 9.27 -1.35 -9.78
CA LEU A 97 9.28 -1.37 -9.77
C LEU A 97 9.90 -0.60 -8.61
N GLN A 98 11.20 -0.80 -8.40
CA GLN A 98 11.88 -0.10 -7.31
C GLN A 98 11.84 1.41 -7.53
N GLY A 99 11.93 1.83 -8.80
CA GLY A 99 11.86 3.24 -9.07
C GLY A 99 10.52 3.84 -8.69
N VAL A 100 9.44 3.12 -8.98
CA VAL A 100 8.11 3.60 -8.61
C VAL A 100 7.98 3.66 -7.09
N CYS A 101 8.44 2.61 -6.40
CA CYS A 101 8.38 2.64 -4.93
C CYS A 101 9.18 3.81 -4.36
N ASP A 102 10.39 4.04 -4.89
CA ASP A 102 11.21 5.15 -4.44
C ASP A 102 10.52 6.49 -4.67
N THR A 103 9.82 6.63 -5.80
CA THR A 103 9.12 7.88 -6.09
C THR A 103 8.03 8.14 -5.07
N VAL A 104 7.25 7.09 -4.74
CA VAL A 104 6.15 7.26 -3.78
C VAL A 104 6.71 7.59 -2.41
N LEU A 105 7.73 6.82 -1.97
CA LEU A 105 8.34 7.10 -0.68
C LEU A 105 8.91 8.51 -0.63
N GLY A 106 9.45 8.98 -1.75
CA GLY A 106 9.94 10.34 -1.81
C GLY A 106 8.86 11.37 -1.68
N LEU A 107 7.67 11.10 -2.24
CA LEU A 107 6.57 12.04 -2.04
C LEU A 107 6.14 12.06 -0.58
N LEU A 108 6.06 10.89 0.05
CA LEU A 108 5.69 10.82 1.46
C LEU A 108 6.69 11.58 2.32
N ASP A 109 7.98 11.44 2.00
CA ASP A 109 9.03 12.09 2.79
C ASP A 109 9.20 13.57 2.47
N SER A 110 8.75 14.02 1.29
CA SER A 110 8.91 15.41 0.86
C SER A 110 7.62 15.92 0.22
N HIS A 111 6.61 16.33 1.02
CA HIS A 111 6.67 16.44 2.47
C HIS A 111 5.33 16.05 3.08
N LEU A 112 4.70 15.03 2.50
CA LEU A 112 3.31 14.71 2.88
C LEU A 112 3.21 14.31 4.35
N ILE A 113 4.14 13.48 4.85
CA ILE A 113 3.98 12.98 6.20
C ILE A 113 4.21 14.09 7.23
N LYS A 114 5.24 14.89 7.03
CA LYS A 114 5.56 15.87 8.06
C LYS A 114 4.48 16.94 8.17
N GLU A 115 3.72 17.21 7.11
CA GLU A 115 2.65 18.19 7.17
CA GLU A 115 2.64 18.19 7.13
C GLU A 115 1.30 17.60 7.55
N ALA A 116 1.21 16.29 7.73
CA ALA A 116 -0.05 15.62 8.07
C ALA A 116 -0.24 15.57 9.58
N GLY A 117 -1.17 16.36 10.08
CA GLY A 117 -1.40 16.42 11.51
C GLY A 117 -2.63 15.66 11.98
N ASP A 118 -3.65 15.61 11.15
CA ASP A 118 -4.83 14.85 11.50
C ASP A 118 -4.56 13.36 11.44
N ALA A 119 -5.22 12.62 12.33
CA ALA A 119 -5.03 11.17 12.38
C ALA A 119 -5.33 10.51 11.04
N GLU A 120 -6.44 10.89 10.39
CA GLU A 120 -6.83 10.26 9.15
C GLU A 120 -5.76 10.44 8.07
N SER A 121 -5.19 11.64 7.97
CA SER A 121 -4.16 11.85 6.96
CA SER A 121 -4.15 11.87 6.98
C SER A 121 -2.85 11.19 7.37
N ARG A 122 -2.43 11.36 8.63
CA ARG A 122 -1.16 10.80 9.06
C ARG A 122 -1.15 9.28 8.97
N VAL A 123 -2.25 8.62 9.38
CA VAL A 123 -2.33 7.17 9.31
C VAL A 123 -2.32 6.71 7.87
N PHE A 124 -3.04 7.44 7.00
CA PHE A 124 -3.06 7.10 5.58
C PHE A 124 -1.65 7.08 4.99
N TYR A 125 -0.87 8.12 5.26
CA TYR A 125 0.45 8.22 4.64
C TYR A 125 1.42 7.22 5.26
N LEU A 126 1.33 7.00 6.58
CA LEU A 126 2.22 6.01 7.19
C LEU A 126 1.90 4.60 6.69
N LYS A 127 0.62 4.27 6.52
CA LYS A 127 0.25 3.00 5.89
C LYS A 127 0.86 2.89 4.49
N MET A 128 0.76 3.95 3.69
CA MET A 128 1.37 3.90 2.35
C MET A 128 2.87 3.68 2.44
N LYS A 129 3.54 4.35 3.39
CA LYS A 129 4.99 4.14 3.57
C LYS A 129 5.29 2.68 3.87
N GLY A 130 4.51 2.06 4.77
CA GLY A 130 4.69 0.65 5.04
C GLY A 130 4.46 -0.21 3.81
N ASP A 131 3.41 0.10 3.07
CA ASP A 131 3.09 -0.65 1.86
C ASP A 131 4.24 -0.63 0.86
N TYR A 132 4.81 0.57 0.60
CA TYR A 132 5.82 0.66 -0.46
C TYR A 132 7.17 0.16 0.01
N TYR A 133 7.50 0.24 1.31
CA TYR A 133 8.67 -0.51 1.77
C TYR A 133 8.41 -2.03 1.68
N ARG A 134 7.17 -2.47 1.94
CA ARG A 134 6.84 -3.88 1.79
C ARG A 134 7.05 -4.34 0.34
N TYR A 135 6.62 -3.54 -0.64
CA TYR A 135 6.82 -3.94 -2.03
C TYR A 135 8.31 -3.99 -2.35
N LEU A 136 9.10 -3.05 -1.81
CA LEU A 136 10.55 -3.16 -1.95
C LEU A 136 11.05 -4.44 -1.30
N ALA A 137 10.49 -4.79 -0.14
CA ALA A 137 10.95 -6.01 0.54
C ALA A 137 10.66 -7.28 -0.26
N GLU A 138 9.56 -7.29 -1.02
CA GLU A 138 9.18 -8.47 -1.79
C GLU A 138 10.26 -8.88 -2.78
N VAL A 139 11.05 -7.93 -3.28
CA VAL A 139 12.09 -8.18 -4.28
C VAL A 139 13.49 -8.03 -3.72
N ALA A 140 13.64 -7.76 -2.43
CA ALA A 140 14.94 -7.52 -1.85
C ALA A 140 15.65 -8.81 -1.53
N THR A 141 16.99 -8.78 -1.68
CA THR A 141 17.81 -9.96 -1.45
C THR A 141 19.19 -9.67 -0.84
N GLY A 142 19.60 -8.41 -0.71
CA GLY A 142 20.99 -8.08 -0.41
C GLY A 142 21.20 -7.53 1.00
N ASP A 143 22.33 -6.83 1.16
CA ASP A 143 22.75 -6.33 2.46
C ASP A 143 21.65 -5.57 3.20
N ASP A 144 20.71 -4.97 2.46
CA ASP A 144 19.77 -4.04 3.07
C ASP A 144 18.36 -4.61 3.20
N LYS A 145 18.16 -5.90 2.93
CA LYS A 145 16.82 -6.47 3.04
C LYS A 145 16.27 -6.29 4.45
N LYS A 146 17.10 -6.54 5.47
CA LYS A 146 16.59 -6.44 6.84
C LYS A 146 16.21 -5.02 7.17
N ARG A 147 16.97 -4.03 6.68
CA ARG A 147 16.63 -2.65 6.97
C ARG A 147 15.35 -2.25 6.22
N ILE A 148 15.17 -2.75 5.00
CA ILE A 148 13.93 -2.47 4.27
C ILE A 148 12.73 -3.03 5.04
N ILE A 149 12.83 -4.27 5.51
CA ILE A 149 11.75 -4.87 6.29
C ILE A 149 11.48 -4.06 7.55
N ASP A 150 12.54 -3.64 8.25
CA ASP A 150 12.31 -2.88 9.47
C ASP A 150 11.72 -1.51 9.17
N SER A 151 12.03 -0.92 8.01
CA SER A 151 11.39 0.34 7.64
C SER A 151 9.89 0.16 7.42
N ALA A 152 9.50 -0.93 6.76
CA ALA A 152 8.09 -1.24 6.61
C ALA A 152 7.43 -1.42 7.98
N ARG A 153 8.05 -2.24 8.84
CA ARG A 153 7.50 -2.51 10.17
CA ARG A 153 7.49 -2.51 10.16
C ARG A 153 7.30 -1.22 10.93
N SER A 154 8.33 -0.35 10.95
CA SER A 154 8.28 0.85 11.76
CA SER A 154 8.28 0.85 11.77
C SER A 154 7.16 1.79 11.32
N ALA A 155 6.99 1.94 10.02
CA ALA A 155 5.92 2.78 9.50
C ALA A 155 4.55 2.21 9.84
N TYR A 156 4.37 0.88 9.65
CA TYR A 156 3.11 0.24 10.00
C TYR A 156 2.82 0.37 11.50
N GLN A 157 3.84 0.22 12.31
CA GLN A 157 3.64 0.26 13.77
C GLN A 157 3.20 1.65 14.22
N GLU A 158 3.83 2.70 13.70
CA GLU A 158 3.42 4.05 14.06
C GLU A 158 1.98 4.32 13.59
N ALA A 159 1.62 3.84 12.42
CA ALA A 159 0.26 4.00 11.92
C ALA A 159 -0.74 3.25 12.80
N MET A 160 -0.38 2.04 13.21
CA MET A 160 -1.25 1.26 14.10
C MET A 160 -1.46 1.98 15.43
N ASP A 161 -0.37 2.48 16.01
CA ASP A 161 -0.46 3.15 17.31
C ASP A 161 -1.41 4.35 17.25
N ILE A 162 -1.29 5.18 16.21
CA ILE A 162 -2.16 6.34 16.06
C ILE A 162 -3.60 5.88 15.80
N SER A 163 -3.77 4.90 14.91
CA SER A 163 -5.11 4.48 14.54
CA SER A 163 -5.11 4.46 14.54
C SER A 163 -5.86 3.92 15.76
N LYS A 164 -5.17 3.17 16.60
CA LYS A 164 -5.83 2.62 17.78
C LYS A 164 -6.26 3.72 18.74
N LYS A 165 -5.46 4.78 18.86
N LYS A 165 -5.45 4.78 18.87
CA LYS A 165 -5.77 5.85 19.79
CA LYS A 165 -5.77 5.86 19.80
C LYS A 165 -6.81 6.83 19.26
C LYS A 165 -6.84 6.80 19.26
N GLU A 166 -6.85 7.04 17.94
CA GLU A 166 -7.60 8.14 17.37
C GLU A 166 -8.75 7.78 16.45
N MET A 167 -8.92 6.51 16.10
CA MET A 167 -9.94 6.11 15.14
CA MET A 167 -9.98 6.15 15.16
C MET A 167 -10.77 4.98 15.72
N PRO A 168 -12.06 4.89 15.36
CA PRO A 168 -12.87 3.76 15.81
C PRO A 168 -12.43 2.47 15.14
N PRO A 169 -12.71 1.32 15.75
CA PRO A 169 -12.22 0.06 15.18
C PRO A 169 -12.83 -0.33 13.87
N THR A 170 -13.92 0.33 13.45
CA THR A 170 -14.49 0.11 12.14
C THR A 170 -13.99 1.05 11.06
N ASN A 171 -13.15 2.00 11.39
CA ASN A 171 -12.67 2.95 10.37
C ASN A 171 -12.02 2.20 9.20
N PRO A 172 -12.45 2.45 7.97
CA PRO A 172 -11.91 1.67 6.84
C PRO A 172 -10.41 1.80 6.63
N ILE A 173 -9.81 2.93 6.93
CA ILE A 173 -8.36 3.05 6.81
C ILE A 173 -7.67 2.24 7.89
N ARG A 174 -8.17 2.30 9.12
CA ARG A 174 -7.66 1.45 10.19
C ARG A 174 -7.74 -0.02 9.81
N LEU A 175 -8.86 -0.45 9.26
CA LEU A 175 -9.05 -1.85 8.88
C LEU A 175 -8.11 -2.26 7.74
N GLY A 176 -7.94 -1.39 6.73
CA GLY A 176 -7.03 -1.74 5.64
C GLY A 176 -5.57 -1.72 6.07
N LEU A 177 -5.22 -0.82 6.99
CA LEU A 177 -3.92 -0.86 7.61
C LEU A 177 -3.67 -2.20 8.30
N ALA A 178 -4.62 -2.63 9.13
CA ALA A 178 -4.42 -3.89 9.85
C ALA A 178 -4.35 -5.07 8.88
N LEU A 179 -5.22 -5.08 7.86
CA LEU A 179 -5.13 -6.11 6.83
C LEU A 179 -3.73 -6.22 6.25
N ASN A 180 -3.13 -5.08 5.88
CA ASN A 180 -1.83 -5.09 5.21
C ASN A 180 -0.68 -5.40 6.17
N PHE A 181 -0.74 -4.87 7.40
CA PHE A 181 0.27 -5.23 8.40
C PHE A 181 0.19 -6.72 8.72
N SER A 182 -1.02 -7.27 8.76
CA SER A 182 -1.16 -8.72 8.93
C SER A 182 -0.48 -9.48 7.80
N VAL A 183 -0.69 -9.07 6.55
CA VAL A 183 -0.02 -9.74 5.43
C VAL A 183 1.49 -9.54 5.52
N PHE A 184 1.93 -8.34 5.93
CA PHE A 184 3.36 -8.12 6.18
C PHE A 184 3.89 -9.18 7.17
N HIS A 185 3.20 -9.38 8.30
CA HIS A 185 3.67 -10.38 9.24
C HIS A 185 3.73 -11.76 8.60
N TYR A 186 2.69 -12.11 7.83
CA TYR A 186 2.56 -13.47 7.33
C TYR A 186 3.68 -13.82 6.35
N GLU A 187 3.91 -12.95 5.37
CA GLU A 187 4.76 -13.34 4.25
C GLU A 187 6.05 -12.55 4.11
N ILE A 188 6.23 -11.45 4.83
CA ILE A 188 7.50 -10.74 4.84
C ILE A 188 8.31 -11.03 6.10
N ALA A 189 7.67 -10.95 7.26
CA ALA A 189 8.37 -11.09 8.52
C ALA A 189 8.41 -12.53 9.01
N ASN A 190 7.80 -13.45 8.30
CA ASN A 190 7.78 -14.87 8.70
C ASN A 190 7.17 -15.03 10.09
N SER A 191 6.10 -14.28 10.36
CA SER A 191 5.38 -14.32 11.64
C SER A 191 3.91 -14.66 11.41
N PRO A 192 3.62 -15.85 10.88
CA PRO A 192 2.22 -16.18 10.58
C PRO A 192 1.30 -16.13 11.79
N GLU A 193 1.78 -16.48 12.99
CA GLU A 193 0.91 -16.40 14.16
C GLU A 193 0.55 -14.96 14.49
N GLU A 194 1.51 -14.04 14.39
CA GLU A 194 1.20 -12.63 14.59
C GLU A 194 0.19 -12.17 13.54
N ALA A 195 0.38 -12.61 12.29
CA ALA A 195 -0.57 -12.25 11.23
C ALA A 195 -1.97 -12.70 11.54
N ILE A 196 -2.12 -13.95 11.96
CA ILE A 196 -3.45 -14.49 12.27
C ILE A 196 -4.03 -13.78 13.49
N SER A 197 -3.23 -13.57 14.53
CA SER A 197 -3.72 -12.88 15.72
CA SER A 197 -3.72 -12.88 15.72
C SER A 197 -4.21 -11.47 15.38
N LEU A 198 -3.45 -10.74 14.59
CA LEU A 198 -3.86 -9.37 14.25
C LEU A 198 -5.14 -9.37 13.42
N ALA A 199 -5.27 -10.30 12.47
CA ALA A 199 -6.47 -10.29 11.62
C ALA A 199 -7.71 -10.62 12.44
N LYS A 200 -7.58 -11.55 13.38
CA LYS A 200 -8.71 -11.95 14.22
C LYS A 200 -9.12 -10.86 15.19
N THR A 201 -8.17 -10.28 15.92
CA THR A 201 -8.49 -9.21 16.85
CA THR A 201 -8.54 -9.23 16.85
C THR A 201 -9.07 -8.00 16.12
N THR A 202 -8.54 -7.68 14.95
CA THR A 202 -9.10 -6.58 14.17
C THR A 202 -10.53 -6.85 13.75
N PHE A 203 -10.78 -8.06 13.24
CA PHE A 203 -12.13 -8.42 12.82
C PHE A 203 -13.11 -8.35 13.98
N ASP A 204 -12.73 -8.93 15.12
CA ASP A 204 -13.64 -9.04 16.26
C ASP A 204 -13.95 -7.67 16.86
N GLU A 205 -12.95 -6.79 16.92
CA GLU A 205 -13.20 -5.46 17.48
C GLU A 205 -14.00 -4.60 16.52
N ALA A 206 -13.87 -4.82 15.21
CA ALA A 206 -14.74 -4.14 14.27
C ALA A 206 -16.18 -4.63 14.41
N MET A 207 -16.37 -5.95 14.47
CA MET A 207 -17.73 -6.48 14.59
C MET A 207 -18.47 -5.86 15.76
N ALA A 208 -17.80 -5.70 16.89
CA ALA A 208 -18.45 -5.19 18.09
C ALA A 208 -18.79 -3.71 18.01
N ASP A 209 -18.24 -2.97 17.03
CA ASP A 209 -18.49 -1.55 16.83
C ASP A 209 -19.47 -1.29 15.67
N LEU A 210 -19.90 -2.32 14.97
CA LEU A 210 -20.75 -2.10 13.80
C LEU A 210 -22.08 -1.45 14.20
N HIS A 211 -22.55 -1.70 15.43
CA HIS A 211 -23.86 -1.21 15.85
C HIS A 211 -23.93 0.31 15.89
N THR A 212 -22.79 0.99 15.89
CA THR A 212 -22.75 2.44 15.95
C THR A 212 -22.91 3.10 14.58
N LEU A 213 -22.91 2.33 13.51
CA LEU A 213 -22.72 2.85 12.17
C LEU A 213 -24.04 3.02 11.41
N SER A 214 -24.03 3.98 10.48
CA SER A 214 -25.06 4.10 9.47
C SER A 214 -25.01 2.92 8.50
N GLU A 215 -26.07 2.79 7.70
CA GLU A 215 -26.13 1.75 6.68
C GLU A 215 -24.95 1.85 5.72
N ASP A 216 -24.59 3.06 5.28
CA ASP A 216 -23.52 3.20 4.31
C ASP A 216 -22.15 2.93 4.93
N SER A 217 -21.90 3.43 6.14
CA SER A 217 -20.66 3.12 6.84
C SER A 217 -20.55 1.62 7.12
N TYR A 218 -21.66 1.00 7.54
CA TYR A 218 -21.70 -0.44 7.74
CA TYR A 218 -21.71 -0.44 7.74
C TYR A 218 -21.24 -1.19 6.50
N LYS A 219 -21.73 -0.79 5.33
CA LYS A 219 -21.28 -1.42 4.09
C LYS A 219 -19.77 -1.25 3.88
N ASP A 220 -19.26 -0.04 4.07
CA ASP A 220 -17.83 0.22 3.88
C ASP A 220 -16.98 -0.64 4.81
N SER A 221 -17.35 -0.69 6.10
CA SER A 221 -16.57 -1.47 7.07
C SER A 221 -16.66 -2.98 6.82
N THR A 222 -17.87 -3.50 6.55
CA THR A 222 -18.01 -4.93 6.40
C THR A 222 -17.30 -5.43 5.15
N LEU A 223 -17.17 -4.57 4.13
CA LEU A 223 -16.42 -4.95 2.92
C LEU A 223 -14.97 -5.29 3.30
N ILE A 224 -14.34 -4.46 4.12
CA ILE A 224 -12.94 -4.71 4.48
CA ILE A 224 -12.95 -4.70 4.50
C ILE A 224 -12.85 -5.83 5.51
N MET A 225 -13.86 -5.97 6.37
CA MET A 225 -13.84 -7.09 7.31
C MET A 225 -13.85 -8.42 6.56
N GLN A 226 -14.54 -8.48 5.43
CA GLN A 226 -14.55 -9.71 4.65
C GLN A 226 -13.18 -10.05 4.08
N LEU A 227 -12.35 -9.04 3.78
CA LEU A 227 -10.99 -9.34 3.34
C LEU A 227 -10.17 -9.95 4.49
N LEU A 228 -10.32 -9.43 5.71
CA LEU A 228 -9.69 -10.07 6.87
C LEU A 228 -10.17 -11.51 7.04
N ARG A 229 -11.48 -11.74 6.88
CA ARG A 229 -12.00 -13.10 6.99
C ARG A 229 -11.45 -14.00 5.89
N ASP A 230 -11.34 -13.48 4.67
CA ASP A 230 -10.80 -14.28 3.58
C ASP A 230 -9.39 -14.76 3.91
N ASN A 231 -8.55 -13.85 4.43
CA ASN A 231 -7.19 -14.24 4.76
C ASN A 231 -7.16 -15.25 5.89
N LEU A 232 -7.99 -15.04 6.92
CA LEU A 232 -8.04 -16.02 7.99
C LEU A 232 -8.42 -17.39 7.45
N THR A 233 -9.41 -17.45 6.55
CA THR A 233 -9.84 -18.72 5.97
C THR A 233 -8.72 -19.37 5.17
N LEU A 234 -7.94 -18.54 4.46
CA LEU A 234 -6.81 -19.06 3.71
C LEU A 234 -5.71 -19.58 4.63
N TRP A 235 -5.52 -18.97 5.79
CA TRP A 235 -4.36 -19.25 6.64
C TRP A 235 -4.63 -20.27 7.73
N THR A 236 -5.88 -20.69 7.92
CA THR A 236 -6.22 -21.59 9.01
C THR A 236 -6.99 -22.82 8.48
N ARG B 8 -6.38 -19.42 -3.77
CA ARG B 8 -6.58 -17.98 -3.83
C ARG B 8 -5.35 -17.23 -3.31
N ARG B 9 -5.11 -16.04 -3.84
CA ARG B 9 -4.05 -15.17 -3.34
C ARG B 9 -4.59 -14.34 -2.17
N ARG B 10 -3.78 -14.18 -1.13
CA ARG B 10 -4.19 -13.40 0.03
C ARG B 10 -4.52 -11.97 -0.39
N GLN B 11 -5.38 -11.32 0.39
CA GLN B 11 -5.90 -10.03 0.06
C GLN B 11 -5.16 -8.89 0.73
N TPO B 12 -4.81 -7.85 -0.05
CA TPO B 12 -4.47 -6.54 0.49
CB TPO B 12 -2.95 -6.22 0.41
CG2 TPO B 12 -2.12 -7.20 1.27
OG1 TPO B 12 -2.65 -6.32 -0.97
P TPO B 12 -1.23 -5.72 -1.48
O1P TPO B 12 -1.47 -5.55 -2.95
O2P TPO B 12 -0.94 -4.34 -0.77
O3P TPO B 12 -0.05 -6.76 -1.27
C TPO B 12 -5.25 -5.50 -0.29
O TPO B 12 -5.26 -4.32 0.04
OXT TPO B 12 -5.91 -5.87 -1.26
MG MG C . -2.37 27.87 -9.47
CL CL D . 15.95 -6.61 -20.57
MG MG E . -0.05 -21.80 16.52
MG MG F . 18.00 -5.89 -8.69
C02 0I2 G . -11.48 7.13 -6.25
C04 0I2 G . -12.06 7.42 -4.87
C05 0I2 G . -12.51 8.71 -4.45
C06 0I2 G . -13.04 8.63 -3.02
C07 0I2 G . -12.93 7.29 -2.53
C08 0I2 G . -13.35 6.80 -1.14
C10 0I2 G . -13.25 4.31 -0.41
C12 0I2 G . -14.74 4.08 -0.12
C13 0I2 G . -14.93 2.67 0.53
C14 0I2 G . -13.98 2.29 1.67
C15 0I2 G . -13.93 3.22 2.90
C17 0I2 G . -15.41 4.89 2.24
C18 0I2 G . -15.43 5.15 0.73
C20 0I2 G . -13.60 9.84 -2.28
C21 0I2 G . -13.21 10.12 -0.98
C22 0I2 G . -13.72 11.23 -0.32
C23 0I2 G . -14.62 12.08 -0.97
C24 0I2 G . -15.01 11.79 -2.27
C25 0I2 G . -14.50 10.68 -2.92
N01 0I2 G . -11.57 8.17 -7.26
N03 0I2 G . -10.99 6.00 -6.56
N09 0I2 G . -12.65 5.54 -0.89
O11 0I2 G . -12.50 3.41 -0.32
O16 0I2 G . -14.12 4.58 2.65
S19 0I2 G . -12.26 6.33 -3.67
H051 0I2 G . -12.49 9.48 -4.97
H082 0I2 G . -14.30 6.65 -1.11
H081 0I2 G . -13.10 7.44 -0.46
H121 0I2 G . -15.14 4.15 -1.01
H131 0I2 G . -14.82 2.02 -0.18
H132 0I2 G . -15.84 2.63 0.87
H142 0I2 G . -13.08 2.25 1.31
H141 0I2 G . -14.23 1.42 1.98
H151 0I2 G . -14.62 2.93 3.51
H152 0I2 G . -13.06 3.11 3.31
H172 0I2 G . -16.00 4.15 2.44
H171 0I2 G . -15.72 5.67 2.71
H181 0I2 G . -16.36 5.21 0.44
H182 0I2 G . -15.00 6.00 0.56
H211 0I2 G . -12.61 9.56 -0.54
H221 0I2 G . -13.45 11.41 0.56
H231 0I2 G . -14.96 12.81 -0.52
H241 0I2 G . -15.61 12.35 -2.71
H251 0I2 G . -14.76 10.49 -3.80
H012 0I2 G . -11.95 8.92 -7.05
H031 0I2 G . -10.93 5.36 -5.94
H091 0I2 G . -11.80 5.53 -1.05
H011 0I2 G . -11.27 8.04 -8.04
#